data_5VEF
#
_entry.id   5VEF
#
_cell.length_a   61.940
_cell.length_b   61.940
_cell.length_c   182.741
_cell.angle_alpha   90.00
_cell.angle_beta   90.00
_cell.angle_gamma   90.00
#
_symmetry.space_group_name_H-M   'P 41 21 2'
#
loop_
_entity.id
_entity.type
_entity.pdbx_description
1 polymer 'Serine/threonine-protein kinase PAK 4'
2 non-polymer 5-(1,4-DIAZEPAN-1-SULFONYL)ISOQUINOLINE
3 non-polymer 'ACETATE ION'
4 water water
#
_entity_poly.entity_id   1
_entity_poly.type   'polypeptide(L)'
_entity_poly.pdbx_seq_one_letter_code
;GARARQENGMPEKPPGPRSPQREPQRVSHEQFRAALQLVVDPGDPRSYLDNFIKIGEGSTGIVCIATVRSSGKLVAVKKM
DLRKQQRRELLFNEVVIMRDYQHENVVEMYNSYLVGDELWVVMEFLEGGALTDIVTHTRMNEEQIAAVCLAVLQALSVLH
AQGVIHRDIKSDSILLTHDGRVKLSDFGFCAQVSKEVPRRK(SEP)LVGTPYWMAPELISRLPYGPEVDIWSLGIMVIEM
VDGEPPYFNEPPLKAMKMIRDNLPPRLKNLHKVSPSLKGFLDRLLVRDPAQRATAAELLKHPFLAKAGPPASIVPLMRQN
RTR
;
_entity_poly.pdbx_strand_id   A
#
# COMPACT_ATOMS: atom_id res chain seq x y z
N SER A 28 9.61 25.45 -14.92
CA SER A 28 9.54 24.68 -13.70
C SER A 28 9.66 23.18 -13.97
N HIS A 29 9.07 22.73 -15.07
CA HIS A 29 9.13 21.33 -15.45
C HIS A 29 10.55 20.91 -15.83
N GLU A 30 11.21 21.72 -16.65
CA GLU A 30 12.58 21.43 -17.04
C GLU A 30 13.51 21.46 -15.82
N GLN A 31 13.20 22.36 -14.88
CA GLN A 31 13.98 22.46 -13.66
C GLN A 31 13.88 21.16 -12.87
N PHE A 32 12.68 20.61 -12.77
CA PHE A 32 12.48 19.37 -12.02
C PHE A 32 13.06 18.14 -12.72
N ARG A 33 12.96 18.09 -14.06
CA ARG A 33 13.62 17.03 -14.84
C ARG A 33 15.09 16.93 -14.47
N ALA A 34 15.77 18.08 -14.51
CA ALA A 34 17.18 18.15 -14.18
C ALA A 34 17.42 17.62 -12.78
N ALA A 35 16.61 18.04 -11.82
CA ALA A 35 16.73 17.60 -10.42
C ALA A 35 16.60 16.08 -10.26
N LEU A 36 15.60 15.49 -10.90
CA LEU A 36 15.42 14.05 -10.87
C LEU A 36 16.62 13.32 -11.48
N GLN A 37 17.18 13.89 -12.54
CA GLN A 37 18.30 13.26 -13.23
C GLN A 37 19.46 13.01 -12.31
N LEU A 38 19.63 13.86 -11.29
CA LEU A 38 20.80 13.75 -10.43
C LEU A 38 20.64 12.66 -9.40
N VAL A 39 19.41 12.22 -9.15
CA VAL A 39 19.19 11.13 -8.20
C VAL A 39 18.90 9.75 -8.82
N VAL A 40 18.42 9.69 -10.06
CA VAL A 40 18.13 8.40 -10.68
C VAL A 40 19.33 7.78 -11.35
N ASP A 41 19.18 6.55 -11.78
CA ASP A 41 20.25 5.83 -12.45
C ASP A 41 20.40 6.39 -13.86
N PRO A 42 21.62 6.32 -14.42
CA PRO A 42 21.74 6.80 -15.80
C PRO A 42 21.16 5.83 -16.81
N GLY A 43 20.83 6.32 -17.99
CA GLY A 43 20.43 5.45 -19.08
C GLY A 43 18.93 5.32 -19.27
N ASP A 44 18.56 4.28 -20.01
CA ASP A 44 17.20 4.06 -20.48
C ASP A 44 16.93 2.57 -20.44
N PRO A 45 15.94 2.11 -19.64
CA PRO A 45 15.71 0.67 -19.56
C PRO A 45 15.18 0.04 -20.85
N ARG A 46 14.81 0.87 -21.83
CA ARG A 46 14.34 0.33 -23.11
C ARG A 46 15.48 -0.35 -23.85
N SER A 47 16.71 -0.11 -23.40
CA SER A 47 17.85 -0.75 -24.00
C SER A 47 17.94 -2.24 -23.63
N TYR A 48 17.30 -2.66 -22.52
CA TYR A 48 17.33 -4.08 -22.11
C TYR A 48 15.96 -4.73 -21.86
N LEU A 49 14.88 -3.97 -22.02
CA LEU A 49 13.53 -4.49 -21.90
C LEU A 49 12.74 -4.54 -23.24
N ASP A 50 11.95 -5.60 -23.41
CA ASP A 50 11.06 -5.80 -24.54
C ASP A 50 9.60 -5.94 -24.12
N ASN A 51 8.70 -5.66 -25.06
CA ASN A 51 7.31 -6.09 -24.97
C ASN A 51 6.62 -5.52 -23.74
N PHE A 52 6.62 -4.20 -23.67
CA PHE A 52 5.91 -3.53 -22.60
C PHE A 52 4.41 -3.71 -22.78
N ILE A 53 3.72 -4.17 -21.73
CA ILE A 53 2.27 -4.35 -21.75
C ILE A 53 1.67 -3.70 -20.51
N LYS A 54 0.72 -2.78 -20.70
CA LYS A 54 0.12 -2.08 -19.56
C LYS A 54 -0.76 -3.05 -18.77
N ILE A 55 -0.59 -3.10 -17.46
CA ILE A 55 -1.41 -3.96 -16.61
C ILE A 55 -2.19 -3.19 -15.55
N GLY A 56 -1.78 -1.96 -15.25
CA GLY A 56 -2.39 -1.24 -14.15
C GLY A 56 -2.29 0.26 -14.27
N GLU A 57 -3.17 0.95 -13.55
CA GLU A 57 -3.13 2.41 -13.51
C GLU A 57 -3.30 2.85 -12.05
N GLY A 58 -2.35 3.63 -11.55
CA GLY A 58 -2.37 4.07 -10.16
C GLY A 58 -2.64 5.56 -10.04
N SER A 59 -2.51 6.08 -8.83
CA SER A 59 -2.78 7.50 -8.61
C SER A 59 -1.71 8.39 -9.24
N THR A 60 -0.49 7.87 -9.38
CA THR A 60 0.64 8.66 -9.86
C THR A 60 1.14 8.22 -11.25
N GLY A 61 0.60 7.14 -11.81
CA GLY A 61 0.98 6.75 -13.16
C GLY A 61 0.56 5.32 -13.47
N ILE A 62 1.16 4.72 -14.50
CA ILE A 62 0.76 3.39 -14.94
C ILE A 62 1.86 2.37 -14.66
N VAL A 63 1.48 1.11 -14.73
CA VAL A 63 2.38 0.00 -14.46
C VAL A 63 2.28 -0.94 -15.65
N CYS A 64 3.43 -1.35 -16.15
CA CYS A 64 3.55 -2.25 -17.29
C CYS A 64 4.35 -3.45 -16.88
N ILE A 65 4.11 -4.59 -17.51
CA ILE A 65 5.05 -5.69 -17.42
CA ILE A 65 5.04 -5.70 -17.44
C ILE A 65 5.99 -5.54 -18.61
N ALA A 66 7.18 -6.10 -18.48
CA ALA A 66 8.19 -6.03 -19.52
C ALA A 66 9.06 -7.27 -19.39
N THR A 67 9.63 -7.67 -20.51
CA THR A 67 10.44 -8.88 -20.59
C THR A 67 11.90 -8.44 -20.63
N VAL A 68 12.70 -9.00 -19.74
CA VAL A 68 14.14 -8.76 -19.80
C VAL A 68 14.68 -9.57 -20.94
N ARG A 69 15.26 -8.89 -21.92
CA ARG A 69 15.64 -9.56 -23.14
C ARG A 69 16.61 -10.70 -22.90
N SER A 70 17.66 -10.45 -22.13
N SER A 70 17.64 -10.42 -22.12
CA SER A 70 18.73 -11.43 -21.99
CA SER A 70 18.75 -11.36 -21.90
C SER A 70 18.31 -12.66 -21.18
C SER A 70 18.30 -12.63 -21.19
N SER A 71 17.40 -12.49 -20.23
CA SER A 71 17.03 -13.60 -19.33
C SER A 71 15.68 -14.24 -19.65
N GLY A 72 14.82 -13.47 -20.28
CA GLY A 72 13.43 -13.86 -20.45
C GLY A 72 12.60 -13.67 -19.19
N LYS A 73 13.17 -13.05 -18.16
CA LYS A 73 12.41 -12.82 -16.94
C LYS A 73 11.48 -11.61 -17.06
N LEU A 74 10.44 -11.60 -16.24
CA LEU A 74 9.45 -10.52 -16.27
C LEU A 74 9.72 -9.57 -15.13
N VAL A 75 9.69 -8.28 -15.44
CA VAL A 75 9.72 -7.24 -14.42
C VAL A 75 8.53 -6.30 -14.60
N ALA A 76 8.29 -5.47 -13.59
CA ALA A 76 7.28 -4.43 -13.67
C ALA A 76 7.97 -3.09 -13.85
N VAL A 77 7.28 -2.19 -14.53
CA VAL A 77 7.82 -0.85 -14.78
C VAL A 77 6.73 0.15 -14.48
N LYS A 78 6.96 0.94 -13.45
CA LYS A 78 6.04 1.99 -13.06
C LYS A 78 6.45 3.26 -13.77
N LYS A 79 5.53 3.88 -14.50
CA LYS A 79 5.82 5.08 -15.26
C LYS A 79 4.98 6.23 -14.75
N MET A 80 5.67 7.27 -14.30
CA MET A 80 5.01 8.42 -13.69
C MET A 80 5.36 9.70 -14.45
N ASP A 81 4.34 10.32 -15.03
CA ASP A 81 4.53 11.56 -15.77
C ASP A 81 4.73 12.74 -14.78
N LEU A 82 5.84 13.45 -14.94
CA LEU A 82 6.17 14.57 -14.05
C LEU A 82 5.12 15.68 -14.09
N ARG A 83 4.46 15.84 -15.23
CA ARG A 83 3.50 16.93 -15.40
C ARG A 83 2.12 16.58 -14.83
N LYS A 84 1.91 15.31 -14.50
CA LYS A 84 0.59 14.80 -14.09
C LYS A 84 0.45 14.59 -12.58
N GLN A 85 1.39 15.13 -11.81
CA GLN A 85 1.39 14.96 -10.35
C GLN A 85 0.74 16.15 -9.65
N GLN A 86 -0.07 15.87 -8.64
CA GLN A 86 -0.57 16.92 -7.76
C GLN A 86 0.60 17.52 -6.97
N ARG A 87 1.37 16.67 -6.30
CA ARG A 87 2.55 17.09 -5.55
C ARG A 87 3.79 16.46 -6.15
N ARG A 88 4.43 17.19 -7.05
CA ARG A 88 5.51 16.68 -7.88
C ARG A 88 6.67 16.18 -7.03
N GLU A 89 6.94 16.89 -5.94
CA GLU A 89 8.07 16.57 -5.07
C GLU A 89 7.92 15.23 -4.37
N LEU A 90 6.70 14.69 -4.30
CA LEU A 90 6.53 13.39 -3.66
C LEU A 90 7.15 12.26 -4.50
N LEU A 91 7.46 12.54 -5.77
CA LEU A 91 8.10 11.55 -6.65
C LEU A 91 9.44 11.07 -6.08
N PHE A 92 10.06 11.90 -5.25
CA PHE A 92 11.33 11.52 -4.61
C PHE A 92 11.15 10.40 -3.59
N ASN A 93 9.91 10.16 -3.15
CA ASN A 93 9.63 9.07 -2.22
C ASN A 93 10.04 7.73 -2.79
N GLU A 94 9.74 7.53 -4.07
CA GLU A 94 10.14 6.33 -4.78
C GLU A 94 11.64 6.10 -4.62
N VAL A 95 12.41 7.17 -4.68
CA VAL A 95 13.86 7.06 -4.61
C VAL A 95 14.33 6.77 -3.19
N VAL A 96 13.86 7.51 -2.20
CA VAL A 96 14.32 7.28 -0.84
C VAL A 96 13.95 5.85 -0.38
N ILE A 97 12.77 5.36 -0.73
CA ILE A 97 12.36 4.04 -0.31
C ILE A 97 13.28 3.00 -0.95
N MET A 98 13.53 3.17 -2.24
CA MET A 98 14.34 2.23 -2.99
C MET A 98 15.74 2.12 -2.40
N ARG A 99 16.26 3.24 -1.93
CA ARG A 99 17.62 3.28 -1.44
C ARG A 99 17.79 2.74 -0.03
N ASP A 100 16.76 2.88 0.81
CA ASP A 100 16.97 2.76 2.25
C ASP A 100 16.06 1.74 2.94
N TYR A 101 14.88 1.45 2.41
CA TYR A 101 13.91 0.67 3.17
C TYR A 101 13.39 -0.58 2.45
N GLN A 102 14.31 -1.38 1.93
CA GLN A 102 13.97 -2.66 1.33
C GLN A 102 13.73 -3.70 2.43
N HIS A 103 12.83 -4.66 2.17
CA HIS A 103 12.38 -5.61 3.20
C HIS A 103 11.53 -6.74 2.61
N GLU A 104 11.44 -7.85 3.34
CA GLU A 104 10.77 -9.07 2.89
C GLU A 104 9.31 -8.91 2.42
N ASN A 105 8.57 -8.04 3.11
CA ASN A 105 7.16 -7.81 2.82
C ASN A 105 6.94 -6.46 2.15
N VAL A 106 8.00 -5.97 1.50
CA VAL A 106 7.98 -4.75 0.71
C VAL A 106 8.44 -5.10 -0.70
N VAL A 107 7.77 -4.56 -1.70
CA VAL A 107 8.13 -4.84 -3.10
C VAL A 107 9.55 -4.34 -3.36
N GLU A 108 10.35 -5.20 -3.97
CA GLU A 108 11.74 -4.88 -4.32
C GLU A 108 11.81 -3.92 -5.49
N MET A 109 12.58 -2.86 -5.35
CA MET A 109 12.74 -1.91 -6.43
C MET A 109 14.17 -2.01 -6.92
N TYR A 110 14.33 -2.08 -8.24
CA TYR A 110 15.64 -2.37 -8.83
C TYR A 110 16.41 -1.13 -9.26
N ASN A 111 15.78 -0.32 -10.11
CA ASN A 111 16.44 0.86 -10.68
C ASN A 111 15.40 1.90 -11.02
N SER A 112 15.83 3.16 -11.06
CA SER A 112 14.96 4.26 -11.47
C SER A 112 15.65 5.00 -12.61
N TYR A 113 14.86 5.56 -13.52
CA TYR A 113 15.36 6.28 -14.67
C TYR A 113 14.52 7.51 -14.99
N LEU A 114 15.12 8.51 -15.62
CA LEU A 114 14.35 9.58 -16.22
C LEU A 114 14.25 9.30 -17.70
N VAL A 115 13.03 9.06 -18.16
CA VAL A 115 12.79 8.78 -19.57
C VAL A 115 11.84 9.81 -20.16
N GLY A 116 12.42 10.78 -20.85
CA GLY A 116 11.67 11.88 -21.40
C GLY A 116 11.10 12.72 -20.28
N ASP A 117 9.78 12.82 -20.25
CA ASP A 117 9.10 13.58 -19.21
C ASP A 117 8.61 12.68 -18.07
N GLU A 118 9.09 11.43 -18.05
CA GLU A 118 8.60 10.42 -17.11
C GLU A 118 9.69 9.83 -16.23
N LEU A 119 9.33 9.55 -14.99
CA LEU A 119 10.13 8.77 -14.05
C LEU A 119 9.70 7.32 -14.21
N TRP A 120 10.64 6.44 -14.51
CA TRP A 120 10.38 5.00 -14.59
C TRP A 120 11.05 4.28 -13.44
N VAL A 121 10.30 3.41 -12.77
CA VAL A 121 10.88 2.56 -11.76
C VAL A 121 10.70 1.12 -12.21
N VAL A 122 11.82 0.44 -12.37
CA VAL A 122 11.84 -0.98 -12.68
C VAL A 122 11.87 -1.72 -11.37
N MET A 123 10.91 -2.62 -11.19
CA MET A 123 10.73 -3.31 -9.92
C MET A 123 10.28 -4.73 -10.11
N GLU A 124 10.18 -5.44 -8.99
CA GLU A 124 9.75 -6.83 -8.94
C GLU A 124 8.35 -6.95 -9.51
N PHE A 125 8.10 -7.97 -10.33
CA PHE A 125 6.74 -8.25 -10.81
C PHE A 125 6.07 -9.19 -9.81
N LEU A 126 4.98 -8.72 -9.22
CA LEU A 126 4.13 -9.49 -8.29
C LEU A 126 2.97 -10.08 -9.09
N GLU A 127 3.17 -11.29 -9.58
CA GLU A 127 2.32 -11.84 -10.64
C GLU A 127 0.94 -12.26 -10.15
N GLY A 128 0.80 -12.42 -8.84
CA GLY A 128 -0.48 -12.72 -8.21
C GLY A 128 -1.46 -11.56 -8.18
N GLY A 129 -0.98 -10.36 -8.49
CA GLY A 129 -1.86 -9.21 -8.60
C GLY A 129 -2.10 -8.55 -7.27
N ALA A 130 -3.14 -7.73 -7.19
CA ALA A 130 -3.41 -6.92 -6.02
C ALA A 130 -4.55 -7.52 -5.22
N LEU A 131 -4.53 -7.26 -3.92
CA LEU A 131 -5.55 -7.77 -3.03
C LEU A 131 -6.96 -7.33 -3.44
N THR A 132 -7.08 -6.15 -4.04
CA THR A 132 -8.36 -5.67 -4.53
C THR A 132 -9.11 -6.70 -5.38
N ASP A 133 -8.41 -7.41 -6.25
CA ASP A 133 -9.10 -8.31 -7.16
C ASP A 133 -9.71 -9.46 -6.39
N ILE A 134 -9.07 -9.82 -5.29
CA ILE A 134 -9.57 -10.89 -4.43
C ILE A 134 -10.76 -10.43 -3.60
N VAL A 135 -10.65 -9.27 -2.95
CA VAL A 135 -11.75 -8.86 -2.06
C VAL A 135 -13.02 -8.51 -2.83
N THR A 136 -12.88 -8.06 -4.07
CA THR A 136 -14.06 -7.68 -4.83
C THR A 136 -14.77 -8.89 -5.47
N HIS A 137 -14.11 -10.04 -5.54
CA HIS A 137 -14.65 -11.21 -6.26
C HIS A 137 -14.80 -12.49 -5.45
N THR A 138 -14.20 -12.57 -4.26
CA THR A 138 -14.28 -13.78 -3.44
C THR A 138 -14.36 -13.42 -1.96
N ARG A 139 -14.73 -14.39 -1.14
CA ARG A 139 -14.79 -14.18 0.30
C ARG A 139 -13.64 -14.90 1.00
N MET A 140 -12.85 -14.15 1.74
CA MET A 140 -11.68 -14.70 2.42
C MET A 140 -12.16 -15.30 3.73
N ASN A 141 -11.56 -16.41 4.16
CA ASN A 141 -11.79 -16.91 5.51
C ASN A 141 -10.76 -16.28 6.46
N GLU A 142 -10.76 -16.63 7.73
CA GLU A 142 -9.94 -15.89 8.68
C GLU A 142 -8.51 -16.37 8.75
N GLU A 143 -8.26 -17.58 8.30
CA GLU A 143 -6.89 -18.04 8.10
C GLU A 143 -6.22 -17.13 7.08
N GLN A 144 -6.97 -16.76 6.04
CA GLN A 144 -6.43 -15.96 4.95
C GLN A 144 -6.31 -14.49 5.36
N ILE A 145 -7.33 -13.94 6.02
CA ILE A 145 -7.29 -12.56 6.51
C ILE A 145 -6.14 -12.37 7.49
N ALA A 146 -5.96 -13.35 8.37
CA ALA A 146 -4.88 -13.29 9.35
C ALA A 146 -3.50 -13.32 8.69
N ALA A 147 -3.36 -14.17 7.68
CA ALA A 147 -2.11 -14.20 6.90
C ALA A 147 -1.79 -12.84 6.33
N VAL A 148 -2.73 -12.20 5.65
CA VAL A 148 -2.56 -10.85 5.13
C VAL A 148 -2.20 -9.81 6.20
N CYS A 149 -2.97 -9.78 7.27
CA CYS A 149 -2.69 -8.85 8.36
C CYS A 149 -1.32 -9.06 8.97
N LEU A 150 -0.92 -10.31 9.13
CA LEU A 150 0.38 -10.59 9.73
C LEU A 150 1.49 -10.07 8.82
N ALA A 151 1.38 -10.33 7.52
CA ALA A 151 2.39 -9.87 6.56
C ALA A 151 2.48 -8.34 6.54
N VAL A 152 1.32 -7.69 6.44
CA VAL A 152 1.29 -6.23 6.44
C VAL A 152 1.83 -5.63 7.75
N LEU A 153 1.44 -6.18 8.91
CA LEU A 153 1.91 -5.62 10.17
C LEU A 153 3.41 -5.83 10.36
N GLN A 154 3.95 -6.92 9.82
CA GLN A 154 5.39 -7.14 9.88
C GLN A 154 6.08 -6.01 9.15
N ALA A 155 5.60 -5.65 7.96
CA ALA A 155 6.19 -4.58 7.18
C ALA A 155 6.07 -3.25 7.89
N LEU A 156 4.89 -2.99 8.45
CA LEU A 156 4.63 -1.70 9.08
C LEU A 156 5.46 -1.56 10.36
N SER A 157 5.65 -2.66 11.09
CA SER A 157 6.39 -2.58 12.33
C SER A 157 7.82 -2.08 12.03
N VAL A 158 8.43 -2.61 10.99
CA VAL A 158 9.79 -2.22 10.59
C VAL A 158 9.83 -0.80 10.05
N LEU A 159 8.87 -0.45 9.19
CA LEU A 159 8.80 0.91 8.67
C LEU A 159 8.58 1.96 9.77
N HIS A 160 7.58 1.74 10.62
CA HIS A 160 7.30 2.69 11.70
C HIS A 160 8.47 2.84 12.66
N ALA A 161 9.22 1.77 12.87
CA ALA A 161 10.36 1.86 13.78
C ALA A 161 11.44 2.77 13.21
N GLN A 162 11.44 2.98 11.89
CA GLN A 162 12.40 3.88 11.27
C GLN A 162 11.77 5.23 10.91
N GLY A 163 10.56 5.46 11.40
CA GLY A 163 9.91 6.74 11.18
C GLY A 163 9.19 6.89 9.85
N VAL A 164 9.09 5.81 9.08
CA VAL A 164 8.37 5.88 7.81
C VAL A 164 6.88 5.56 7.97
N ILE A 165 6.05 6.47 7.47
CA ILE A 165 4.59 6.34 7.45
C ILE A 165 4.18 6.15 6.00
N HIS A 166 3.46 5.08 5.71
CA HIS A 166 3.05 4.77 4.34
C HIS A 166 1.99 5.75 3.78
N ARG A 167 0.89 5.90 4.50
CA ARG A 167 -0.19 6.86 4.27
C ARG A 167 -1.16 6.51 3.13
N ASP A 168 -1.04 5.33 2.56
CA ASP A 168 -2.01 4.91 1.56
C ASP A 168 -2.24 3.40 1.62
N ILE A 169 -2.37 2.88 2.84
CA ILE A 169 -2.71 1.49 3.05
C ILE A 169 -4.17 1.23 2.62
N LYS A 170 -4.34 0.24 1.74
CA LYS A 170 -5.64 -0.19 1.23
C LYS A 170 -5.39 -1.42 0.36
N SER A 171 -6.44 -2.14 -0.04
CA SER A 171 -6.22 -3.42 -0.73
C SER A 171 -5.44 -3.21 -2.03
N ASP A 172 -5.64 -2.07 -2.67
CA ASP A 172 -4.92 -1.71 -3.90
C ASP A 172 -3.40 -1.63 -3.71
N SER A 173 -2.93 -1.45 -2.47
CA SER A 173 -1.51 -1.29 -2.19
C SER A 173 -0.82 -2.58 -1.74
N ILE A 174 -1.58 -3.66 -1.66
CA ILE A 174 -1.06 -4.94 -1.24
C ILE A 174 -0.99 -5.86 -2.43
N LEU A 175 0.20 -6.35 -2.70
CA LEU A 175 0.42 -7.17 -3.88
C LEU A 175 0.81 -8.56 -3.44
N LEU A 176 0.57 -9.50 -4.33
CA LEU A 176 0.81 -10.91 -4.07
C LEU A 176 1.70 -11.56 -5.12
N THR A 177 2.56 -12.46 -4.67
CA THR A 177 3.25 -13.39 -5.56
C THR A 177 2.36 -14.59 -5.92
N HIS A 178 2.75 -15.34 -6.95
CA HIS A 178 1.96 -16.47 -7.42
C HIS A 178 1.79 -17.54 -6.35
N ASP A 179 2.69 -17.56 -5.37
CA ASP A 179 2.64 -18.53 -4.27
C ASP A 179 2.16 -17.91 -2.94
N GLY A 180 1.51 -16.75 -3.02
CA GLY A 180 0.75 -16.23 -1.89
C GLY A 180 1.49 -15.35 -0.90
N ARG A 181 2.73 -14.99 -1.20
CA ARG A 181 3.48 -14.06 -0.35
C ARG A 181 2.95 -12.64 -0.54
N VAL A 182 2.83 -11.89 0.56
CA VAL A 182 2.15 -10.60 0.58
C VAL A 182 3.17 -9.49 0.75
N LYS A 183 3.04 -8.44 -0.07
CA LYS A 183 4.01 -7.36 -0.04
C LYS A 183 3.35 -5.99 -0.18
N LEU A 184 3.86 -5.03 0.58
CA LEU A 184 3.43 -3.65 0.52
C LEU A 184 4.04 -2.91 -0.67
N SER A 185 3.21 -2.13 -1.38
CA SER A 185 3.65 -1.35 -2.53
CA SER A 185 3.65 -1.36 -2.53
C SER A 185 3.06 0.06 -2.49
N ASP A 186 3.34 0.84 -3.54
CA ASP A 186 2.80 2.19 -3.72
C ASP A 186 3.14 3.16 -2.59
N PHE A 187 4.44 3.45 -2.48
CA PHE A 187 4.99 4.31 -1.44
C PHE A 187 5.04 5.78 -1.86
N GLY A 188 4.32 6.12 -2.94
CA GLY A 188 4.39 7.46 -3.50
C GLY A 188 3.94 8.57 -2.56
N PHE A 189 3.15 8.23 -1.54
CA PHE A 189 2.58 9.21 -0.66
C PHE A 189 3.21 9.19 0.74
N CYS A 190 4.26 8.42 0.93
CA CYS A 190 4.79 8.24 2.28
C CYS A 190 5.51 9.48 2.82
N ALA A 191 5.83 9.45 4.11
CA ALA A 191 6.59 10.53 4.75
C ALA A 191 7.38 10.00 5.92
N GLN A 192 8.36 10.78 6.37
CA GLN A 192 9.17 10.41 7.52
C GLN A 192 8.92 11.34 8.71
N VAL A 193 8.82 10.75 9.90
CA VAL A 193 8.85 11.50 11.14
C VAL A 193 10.12 11.17 11.94
N SER A 194 10.45 12.04 12.89
CA SER A 194 11.71 11.97 13.61
C SER A 194 11.66 12.91 14.81
N LYS A 195 12.72 12.94 15.60
CA LYS A 195 12.79 13.82 16.75
C LYS A 195 12.59 15.27 16.31
N GLU A 196 13.24 15.64 15.21
CA GLU A 196 13.11 17.00 14.68
C GLU A 196 11.74 17.25 14.04
N VAL A 197 11.11 16.20 13.50
CA VAL A 197 9.81 16.32 12.84
C VAL A 197 8.88 15.21 13.36
N PRO A 198 8.29 15.42 14.55
CA PRO A 198 7.57 14.30 15.16
C PRO A 198 6.23 13.97 14.53
N ARG A 199 5.62 14.93 13.83
CA ARG A 199 4.32 14.70 13.22
C ARG A 199 4.24 15.22 11.79
N ARG A 200 3.34 14.64 11.00
CA ARG A 200 3.05 15.13 9.65
C ARG A 200 1.71 15.89 9.71
N LYS A 201 1.48 16.77 8.74
CA LYS A 201 0.24 17.55 8.69
C LYS A 201 -0.50 17.47 7.36
N LEU A 203 -2.59 16.49 3.94
CA LEU A 203 -3.80 15.78 3.56
C LEU A 203 -3.49 14.83 2.42
N VAL A 204 -3.26 13.57 2.78
CA VAL A 204 -2.76 12.61 1.82
C VAL A 204 -3.49 11.29 2.05
N GLY A 205 -3.71 10.54 0.97
CA GLY A 205 -4.24 9.20 1.08
C GLY A 205 -5.45 9.03 0.19
N THR A 206 -6.27 8.01 0.47
CA THR A 206 -7.47 7.76 -0.32
C THR A 206 -8.67 7.88 0.61
N PRO A 207 -9.61 8.80 0.31
CA PRO A 207 -10.65 9.28 1.23
C PRO A 207 -11.23 8.24 2.18
N TYR A 208 -11.68 7.12 1.64
CA TYR A 208 -12.41 6.13 2.42
C TYR A 208 -11.53 5.41 3.44
N TRP A 209 -10.21 5.47 3.25
CA TRP A 209 -9.29 4.78 4.15
C TRP A 209 -8.59 5.73 5.13
N MET A 210 -8.82 7.03 4.99
CA MET A 210 -8.11 8.04 5.80
C MET A 210 -8.54 8.04 7.26
N ALA A 211 -7.54 8.12 8.15
CA ALA A 211 -7.81 8.17 9.58
C ALA A 211 -8.54 9.46 9.97
N PRO A 212 -9.32 9.43 11.06
CA PRO A 212 -10.09 10.60 11.50
C PRO A 212 -9.23 11.83 11.77
N GLU A 213 -8.10 11.64 12.46
CA GLU A 213 -7.29 12.78 12.87
C GLU A 213 -6.66 13.47 11.66
N LEU A 214 -6.40 12.68 10.62
CA LEU A 214 -5.82 13.21 9.39
C LEU A 214 -6.87 14.08 8.68
N ILE A 215 -8.08 13.56 8.59
CA ILE A 215 -9.20 14.31 8.02
C ILE A 215 -9.49 15.58 8.83
N SER A 216 -9.32 15.50 10.15
CA SER A 216 -9.52 16.65 11.04
C SER A 216 -8.40 17.69 10.97
N ARG A 217 -7.36 17.39 10.19
CA ARG A 217 -6.21 18.25 10.02
C ARG A 217 -5.44 18.44 11.33
N LEU A 218 -5.37 17.38 12.14
CA LEU A 218 -4.47 17.35 13.29
C LEU A 218 -3.11 16.77 12.91
N PRO A 219 -2.05 17.25 13.57
CA PRO A 219 -0.75 16.62 13.34
C PRO A 219 -0.81 15.13 13.68
N TYR A 220 -0.23 14.29 12.86
CA TYR A 220 -0.42 12.85 13.03
C TYR A 220 0.86 12.06 12.84
N GLY A 221 0.81 10.80 13.23
CA GLY A 221 1.94 9.91 13.10
C GLY A 221 1.66 8.58 12.46
N PRO A 222 2.48 7.57 12.77
CA PRO A 222 2.30 6.25 12.15
C PRO A 222 0.94 5.61 12.46
N GLU A 223 0.27 6.11 13.48
CA GLU A 223 -1.03 5.58 13.87
C GLU A 223 -2.04 5.57 12.70
N VAL A 224 -1.86 6.48 11.74
CA VAL A 224 -2.84 6.57 10.64
C VAL A 224 -2.80 5.32 9.74
N ASP A 225 -1.65 4.65 9.66
CA ASP A 225 -1.55 3.42 8.88
C ASP A 225 -2.35 2.31 9.54
N ILE A 226 -2.39 2.31 10.87
CA ILE A 226 -3.16 1.31 11.64
C ILE A 226 -4.67 1.48 11.43
N TRP A 227 -5.19 2.70 11.49
CA TRP A 227 -6.58 2.92 11.13
C TRP A 227 -6.88 2.38 9.70
N SER A 228 -6.06 2.80 8.76
CA SER A 228 -6.21 2.39 7.36
C SER A 228 -6.20 0.87 7.21
N LEU A 229 -5.33 0.18 7.93
CA LEU A 229 -5.38 -1.30 7.95
C LEU A 229 -6.73 -1.84 8.44
N GLY A 230 -7.30 -1.23 9.48
CA GLY A 230 -8.62 -1.57 9.96
C GLY A 230 -9.65 -1.47 8.86
N ILE A 231 -9.56 -0.42 8.06
CA ILE A 231 -10.50 -0.25 6.95
C ILE A 231 -10.27 -1.35 5.93
N MET A 232 -9.02 -1.80 5.79
CA MET A 232 -8.75 -2.86 4.83
C MET A 232 -9.28 -4.21 5.34
N VAL A 233 -9.35 -4.38 6.65
CA VAL A 233 -9.93 -5.59 7.21
C VAL A 233 -11.40 -5.61 6.88
N ILE A 234 -12.04 -4.44 6.95
CA ILE A 234 -13.42 -4.36 6.55
C ILE A 234 -13.57 -4.68 5.06
N GLU A 235 -12.67 -4.17 4.22
CA GLU A 235 -12.63 -4.58 2.81
C GLU A 235 -12.64 -6.10 2.67
N MET A 236 -11.78 -6.77 3.43
CA MET A 236 -11.59 -8.20 3.27
C MET A 236 -12.83 -8.97 3.71
N VAL A 237 -13.55 -8.44 4.69
CA VAL A 237 -14.74 -9.14 5.17
C VAL A 237 -15.98 -8.83 4.32
N ASP A 238 -16.18 -7.55 4.00
CA ASP A 238 -17.40 -7.06 3.35
C ASP A 238 -17.27 -6.78 1.85
N GLY A 239 -16.04 -6.62 1.39
CA GLY A 239 -15.77 -6.38 -0.03
C GLY A 239 -15.57 -4.93 -0.39
N GLU A 240 -16.02 -4.03 0.49
CA GLU A 240 -15.90 -2.57 0.27
C GLU A 240 -15.51 -1.87 1.56
N PRO A 241 -14.89 -0.68 1.44
CA PRO A 241 -14.69 0.11 2.65
C PRO A 241 -16.01 0.75 3.05
N PRO A 242 -16.14 1.23 4.29
CA PRO A 242 -17.32 1.98 4.69
C PRO A 242 -17.59 3.19 3.80
N TYR A 243 -18.88 3.49 3.62
CA TYR A 243 -19.33 4.69 2.92
C TYR A 243 -18.87 4.75 1.46
N PHE A 244 -18.55 3.60 0.89
CA PHE A 244 -18.01 3.54 -0.46
C PHE A 244 -19.00 4.03 -1.51
N ASN A 245 -20.28 3.99 -1.20
CA ASN A 245 -21.30 4.45 -2.13
C ASN A 245 -21.46 5.96 -2.07
N GLU A 246 -21.06 6.56 -0.95
CA GLU A 246 -21.11 8.01 -0.78
C GLU A 246 -20.05 8.70 -1.64
N PRO A 247 -20.23 10.00 -1.91
CA PRO A 247 -19.15 10.73 -2.59
C PRO A 247 -17.96 10.97 -1.66
N PRO A 248 -16.72 10.99 -2.20
CA PRO A 248 -15.49 11.12 -1.42
C PRO A 248 -15.54 12.19 -0.33
N LEU A 249 -15.98 13.40 -0.69
CA LEU A 249 -15.96 14.49 0.27
C LEU A 249 -16.99 14.30 1.37
N LYS A 250 -18.10 13.62 1.06
CA LYS A 250 -19.12 13.36 2.06
C LYS A 250 -18.67 12.24 3.00
N ALA A 251 -18.00 11.23 2.44
CA ALA A 251 -17.49 10.12 3.22
C ALA A 251 -16.47 10.58 4.25
N MET A 252 -15.59 11.51 3.84
CA MET A 252 -14.60 12.08 4.75
C MET A 252 -15.31 12.77 5.91
N LYS A 253 -16.32 13.58 5.61
CA LYS A 253 -17.06 14.25 6.66
C LYS A 253 -17.67 13.25 7.64
N MET A 254 -18.15 12.13 7.13
CA MET A 254 -18.79 11.13 7.97
C MET A 254 -17.76 10.37 8.82
N ILE A 255 -16.57 10.16 8.28
CA ILE A 255 -15.47 9.54 9.01
C ILE A 255 -15.01 10.46 10.13
N ARG A 256 -14.91 11.74 9.79
CA ARG A 256 -14.47 12.74 10.76
C ARG A 256 -15.44 12.82 11.94
N ASP A 257 -16.74 12.84 11.66
CA ASP A 257 -17.75 13.17 12.68
C ASP A 257 -18.31 11.97 13.47
N ASN A 258 -18.52 10.85 12.78
CA ASN A 258 -19.22 9.71 13.37
C ASN A 258 -18.32 8.74 14.15
N LEU A 259 -18.97 7.86 14.90
CA LEU A 259 -18.26 6.79 15.61
C LEU A 259 -17.61 5.85 14.61
N PRO A 260 -16.59 5.09 15.07
CA PRO A 260 -15.88 4.18 14.15
C PRO A 260 -16.82 3.36 13.30
N PRO A 261 -16.47 3.14 12.02
CA PRO A 261 -17.38 2.44 11.13
C PRO A 261 -17.60 0.98 11.53
N ARG A 262 -18.74 0.44 11.14
CA ARG A 262 -19.14 -0.90 11.56
C ARG A 262 -19.09 -1.90 10.42
N LEU A 263 -18.85 -3.16 10.76
CA LEU A 263 -19.01 -4.25 9.81
C LEU A 263 -20.47 -4.37 9.38
N LYS A 264 -20.71 -4.76 8.12
CA LYS A 264 -22.06 -5.01 7.64
C LYS A 264 -22.74 -6.11 8.43
N ASN A 265 -21.98 -7.16 8.73
CA ASN A 265 -22.51 -8.28 9.48
C ASN A 265 -21.51 -8.79 10.48
N LEU A 266 -21.76 -8.49 11.76
CA LEU A 266 -20.82 -8.85 12.81
C LEU A 266 -20.77 -10.36 13.00
N HIS A 267 -21.85 -11.05 12.64
CA HIS A 267 -21.89 -12.49 12.84
C HIS A 267 -20.95 -13.21 11.87
N LYS A 268 -20.43 -12.49 10.88
CA LYS A 268 -19.55 -13.10 9.90
C LYS A 268 -18.09 -12.99 10.30
N VAL A 269 -17.84 -12.53 11.54
CA VAL A 269 -16.46 -12.51 12.04
C VAL A 269 -16.42 -13.19 13.41
N SER A 270 -15.32 -13.90 13.68
CA SER A 270 -15.09 -14.51 14.99
C SER A 270 -14.90 -13.41 16.02
N PRO A 271 -15.15 -13.72 17.30
CA PRO A 271 -14.88 -12.73 18.35
C PRO A 271 -13.41 -12.37 18.40
N SER A 272 -12.54 -13.27 17.95
CA SER A 272 -11.11 -12.98 17.88
C SER A 272 -10.85 -11.87 16.86
N LEU A 273 -11.45 -11.98 15.68
CA LEU A 273 -11.26 -10.95 14.65
C LEU A 273 -11.93 -9.64 15.08
N LYS A 274 -13.09 -9.71 15.74
CA LYS A 274 -13.76 -8.49 16.18
C LYS A 274 -12.89 -7.75 17.20
N GLY A 275 -12.23 -8.50 18.07
CA GLY A 275 -11.41 -7.92 19.11
C GLY A 275 -10.17 -7.26 18.51
N PHE A 276 -9.66 -7.86 17.44
CA PHE A 276 -8.52 -7.34 16.70
C PHE A 276 -8.88 -6.04 15.99
N LEU A 277 -9.98 -6.08 15.25
CA LEU A 277 -10.47 -4.91 14.55
C LEU A 277 -10.71 -3.75 15.51
N ASP A 278 -11.18 -4.07 16.72
CA ASP A 278 -11.46 -3.04 17.72
C ASP A 278 -10.21 -2.30 18.18
N ARG A 279 -9.04 -2.92 18.06
CA ARG A 279 -7.78 -2.25 18.38
C ARG A 279 -7.29 -1.37 17.24
N LEU A 280 -7.85 -1.56 16.04
CA LEU A 280 -7.41 -0.82 14.86
C LEU A 280 -8.24 0.44 14.69
N LEU A 281 -9.56 0.30 14.77
CA LEU A 281 -10.48 1.42 14.53
C LEU A 281 -10.84 2.18 15.83
N VAL A 282 -9.81 2.77 16.42
CA VAL A 282 -9.94 3.61 17.61
C VAL A 282 -9.72 5.05 17.17
N ARG A 283 -10.64 5.92 17.51
CA ARG A 283 -10.60 7.30 17.03
C ARG A 283 -9.41 8.06 17.62
N ASP A 284 -9.22 7.92 18.94
CA ASP A 284 -8.10 8.54 19.65
C ASP A 284 -6.79 7.86 19.27
N PRO A 285 -5.92 8.55 18.50
CA PRO A 285 -4.67 7.92 18.03
C PRO A 285 -3.83 7.37 19.19
N ALA A 286 -3.88 8.03 20.34
CA ALA A 286 -3.08 7.61 21.47
C ALA A 286 -3.53 6.23 21.99
N GLN A 287 -4.80 5.88 21.75
CA GLN A 287 -5.38 4.64 22.28
C GLN A 287 -5.37 3.53 21.25
N ARG A 288 -5.08 3.87 20.00
CA ARG A 288 -5.00 2.90 18.93
C ARG A 288 -3.79 1.98 19.16
N ALA A 289 -3.92 0.70 18.82
CA ALA A 289 -2.77 -0.20 18.93
C ALA A 289 -1.65 0.16 17.95
N THR A 290 -0.40 -0.15 18.30
CA THR A 290 0.75 0.04 17.41
C THR A 290 0.99 -1.24 16.64
N ALA A 291 1.74 -1.17 15.55
CA ALA A 291 2.03 -2.38 14.78
C ALA A 291 2.75 -3.40 15.67
N ALA A 292 3.71 -2.94 16.45
CA ALA A 292 4.46 -3.84 17.31
C ALA A 292 3.54 -4.62 18.26
N GLU A 293 2.61 -3.91 18.91
CA GLU A 293 1.65 -4.54 19.82
C GLU A 293 0.71 -5.52 19.11
N LEU A 294 0.31 -5.18 17.88
CA LEU A 294 -0.64 -6.00 17.16
C LEU A 294 -0.04 -7.32 16.70
N LEU A 295 1.28 -7.37 16.56
CA LEU A 295 1.92 -8.60 16.11
C LEU A 295 1.75 -9.70 17.17
N LYS A 296 1.40 -9.31 18.39
CA LYS A 296 1.19 -10.24 19.50
C LYS A 296 -0.28 -10.57 19.77
N HIS A 297 -1.18 -10.03 18.94
CA HIS A 297 -2.59 -10.25 19.14
C HIS A 297 -3.00 -11.69 18.80
N PRO A 298 -3.87 -12.31 19.61
CA PRO A 298 -4.28 -13.71 19.41
C PRO A 298 -4.85 -14.02 18.04
N PHE A 299 -5.52 -13.07 17.41
CA PHE A 299 -6.12 -13.30 16.11
C PHE A 299 -5.08 -13.75 15.08
N LEU A 300 -3.89 -13.18 15.16
CA LEU A 300 -2.87 -13.51 14.18
C LEU A 300 -2.35 -14.95 14.36
N ALA A 301 -2.68 -15.60 15.48
CA ALA A 301 -2.33 -17.02 15.66
C ALA A 301 -3.03 -17.88 14.62
N LYS A 302 -4.13 -17.39 14.07
CA LYS A 302 -4.89 -18.11 13.06
C LYS A 302 -4.26 -18.03 11.66
N ALA A 303 -3.19 -17.24 11.54
CA ALA A 303 -2.58 -17.00 10.24
C ALA A 303 -2.10 -18.28 9.55
N GLY A 304 -2.50 -18.44 8.29
CA GLY A 304 -2.07 -19.59 7.52
C GLY A 304 -0.83 -19.28 6.73
N PRO A 305 -0.23 -20.31 6.14
CA PRO A 305 0.93 -20.07 5.26
C PRO A 305 0.50 -19.32 4.00
N PRO A 306 1.47 -18.76 3.26
CA PRO A 306 1.17 -18.09 1.98
C PRO A 306 0.36 -18.99 1.04
N ALA A 307 0.62 -20.29 1.09
CA ALA A 307 -0.12 -21.24 0.26
C ALA A 307 -1.63 -21.09 0.44
N SER A 308 -2.05 -20.71 1.64
CA SER A 308 -3.48 -20.61 1.93
C SER A 308 -4.16 -19.52 1.11
N ILE A 309 -3.39 -18.52 0.68
CA ILE A 309 -3.92 -17.41 -0.13
C ILE A 309 -4.07 -17.77 -1.63
N VAL A 310 -3.22 -18.67 -2.10
CA VAL A 310 -3.11 -18.99 -3.53
C VAL A 310 -4.43 -19.31 -4.26
N PRO A 311 -5.32 -20.11 -3.66
CA PRO A 311 -6.57 -20.43 -4.36
C PRO A 311 -7.50 -19.24 -4.58
N LEU A 312 -7.25 -18.12 -3.89
CA LEU A 312 -8.08 -16.92 -4.03
C LEU A 312 -7.82 -16.15 -5.33
N MET A 313 -6.65 -16.37 -5.93
CA MET A 313 -6.24 -15.59 -7.11
C MET A 313 -6.97 -16.00 -8.37
N ARG A 314 -7.15 -15.03 -9.26
CA ARG A 314 -7.98 -15.20 -10.46
C ARG A 314 -7.59 -16.44 -11.27
N GLN A 315 -6.30 -16.71 -11.37
CA GLN A 315 -5.85 -17.80 -12.21
C GLN A 315 -6.18 -19.16 -11.59
N ASN A 316 -6.67 -19.16 -10.35
CA ASN A 316 -6.95 -20.42 -9.65
C ASN A 316 -8.37 -20.64 -9.17
N ARG A 317 -9.18 -19.59 -9.16
CA ARG A 317 -10.55 -19.73 -8.71
C ARG A 317 -11.49 -19.92 -9.89
#